data_5DY3
#
_entry.id   5DY3
#
_cell.length_a   51.893
_cell.length_b   80.797
_cell.length_c   84.303
_cell.angle_alpha   90.000
_cell.angle_beta   90.000
_cell.angle_gamma   90.000
#
_symmetry.space_group_name_H-M   'P 21 21 21'
#
loop_
_entity.id
_entity.type
_entity.pdbx_description
1 polymer 'Artemisinic aldehyde Delta(11(13)) reductase'
2 non-polymer 'FLAVIN MONONUCLEOTIDE'
3 non-polymer P-HYDROXYBENZALDEHYDE
4 non-polymer DI(HYDROXYETHYL)ETHER
5 water water
#
_entity_poly.entity_id   1
_entity_poly.type   'polypeptide(L)'
_entity_poly.pdbx_seq_one_letter_code
;MSEKPTLFSAYKMGKFNLSHRVVLAPLTRCRAINAIPNEALVEYYRQRSTAGGFLITEGTMISPSSAGFPHVPGIFTKEQ
VEGWKKVVDAAHKEGAVIFCQLWHVGRASHQVYQPGGAAPISSTSKPISKKWEILLPDATYGTYPEPRPLAANEILEVVE
DYRVAAINAIEAGFDGIEIHGAHGYLLDQFMKDGINDRTDEYGGSLENRCKFILQVVQAVSAAIGTDRVGIRISPAIDHT
DAMDSDPRSLGLAVIERLNKLQFKLGSRLAYLHVTQPRYTADGHGQTEAGANGSEEEVAQLMKTWRGAYVGTFICCGGYT
RELGLQAVAQGDADLVAFGRYFVSNPDLVLRLKLNAPLNRYDRATFYTHDPVVGYTDYPSLDKGSLL
;
_entity_poly.pdbx_strand_id   A
#
# COMPACT_ATOMS: atom_id res chain seq x y z
N LYS A 4 13.17 22.76 -12.51
CA LYS A 4 12.81 21.52 -13.19
C LYS A 4 12.75 20.36 -12.20
N PRO A 5 11.76 19.47 -12.39
CA PRO A 5 11.58 18.29 -11.52
C PRO A 5 12.74 17.28 -11.56
N THR A 6 13.31 16.99 -10.41
CA THR A 6 14.26 15.88 -10.27
C THR A 6 13.84 15.07 -9.04
N LEU A 7 14.44 13.90 -8.89
CA LEU A 7 14.19 13.01 -7.75
C LEU A 7 14.40 13.71 -6.41
N PHE A 8 15.21 14.76 -6.39
CA PHE A 8 15.51 15.45 -5.13
C PHE A 8 14.96 16.87 -5.05
N SER A 9 14.03 17.21 -5.94
CA SER A 9 13.45 18.55 -5.94
C SER A 9 12.09 18.56 -5.23
N ALA A 10 11.67 19.75 -4.81
CA ALA A 10 10.44 19.89 -4.03
C ALA A 10 9.20 19.60 -4.86
N TYR A 11 8.09 19.35 -4.18
CA TYR A 11 6.84 19.00 -4.85
C TYR A 11 5.67 19.40 -3.99
N LYS A 12 4.65 19.96 -4.62
CA LYS A 12 3.41 20.26 -3.93
C LYS A 12 2.44 19.12 -4.20
N MET A 13 2.23 18.28 -3.19
CA MET A 13 1.27 17.19 -3.28
C MET A 13 -0.06 17.66 -2.73
N GLY A 14 -0.74 18.49 -3.52
CA GLY A 14 -1.99 19.12 -3.11
C GLY A 14 -1.83 19.93 -1.83
N LYS A 15 -2.41 19.39 -0.77
CA LYS A 15 -2.38 20.00 0.57
C LYS A 15 -0.98 20.08 1.18
N PHE A 16 -0.13 19.14 0.78
CA PHE A 16 1.15 18.97 1.45
C PHE A 16 2.32 19.43 0.60
N ASN A 17 3.38 19.88 1.26
CA ASN A 17 4.62 20.21 0.58
C ASN A 17 5.68 19.20 0.90
N LEU A 18 6.32 18.68 -0.14
CA LEU A 18 7.44 17.76 0.03
C LEU A 18 8.72 18.44 -0.45
N SER A 19 9.86 18.01 0.07
CA SER A 19 11.15 18.62 -0.29
CA SER A 19 11.15 18.62 -0.29
C SER A 19 11.93 17.79 -1.30
N HIS A 20 11.48 16.55 -1.51
CA HIS A 20 12.13 15.64 -2.44
C HIS A 20 11.10 14.58 -2.85
N ARG A 21 11.41 13.76 -3.84
CA ARG A 21 10.42 12.82 -4.39
C ARG A 21 10.62 11.35 -3.93
N VAL A 22 11.50 11.13 -2.96
CA VAL A 22 11.77 9.78 -2.46
C VAL A 22 10.76 9.42 -1.37
N VAL A 23 10.00 8.36 -1.61
CA VAL A 23 8.89 7.97 -0.72
C VAL A 23 9.15 6.61 -0.06
N LEU A 24 8.80 6.49 1.22
CA LEU A 24 8.85 5.22 1.91
C LEU A 24 7.64 4.40 1.50
N ALA A 25 7.86 3.31 0.77
CA ALA A 25 6.77 2.45 0.36
C ALA A 25 6.22 1.70 1.57
N PRO A 26 4.92 1.40 1.54
CA PRO A 26 4.31 0.59 2.61
C PRO A 26 4.94 -0.79 2.66
N LEU A 27 5.31 -1.21 3.87
CA LEU A 27 6.04 -2.46 4.08
C LEU A 27 5.55 -3.16 5.35
N THR A 28 4.90 -4.31 5.19
CA THR A 28 4.54 -5.17 6.32
C THR A 28 5.78 -5.72 7.01
N ARG A 29 5.91 -5.47 8.31
CA ARG A 29 7.10 -5.87 9.05
C ARG A 29 6.80 -6.65 10.32
N CYS A 30 5.54 -6.64 10.75
CA CYS A 30 5.10 -7.52 11.85
C CYS A 30 5.78 -7.21 13.21
N ARG A 31 6.02 -5.94 13.51
CA ARG A 31 6.58 -5.61 14.81
C ARG A 31 5.56 -4.97 15.74
N ALA A 32 4.31 -4.83 15.29
CA ALA A 32 3.28 -4.19 16.10
C ALA A 32 2.58 -5.26 16.93
N ILE A 33 3.27 -5.68 17.99
CA ILE A 33 2.80 -6.81 18.79
C ILE A 33 1.36 -6.62 19.28
N ASN A 34 0.54 -7.64 19.06
CA ASN A 34 -0.89 -7.61 19.38
C ASN A 34 -1.62 -6.43 18.74
N ALA A 35 -1.11 -6.02 17.57
CA ALA A 35 -1.71 -5.00 16.71
C ALA A 35 -1.60 -3.57 17.24
N ILE A 36 -0.81 -3.37 18.29
CA ILE A 36 -0.63 -2.03 18.84
C ILE A 36 0.68 -1.41 18.36
N PRO A 37 0.59 -0.27 17.67
CA PRO A 37 1.83 0.45 17.32
C PRO A 37 2.59 0.79 18.59
N ASN A 38 3.93 0.68 18.57
CA ASN A 38 4.69 0.75 19.80
C ASN A 38 6.00 1.51 19.61
N GLU A 39 6.88 1.47 20.60
CA GLU A 39 8.11 2.25 20.53
C GLU A 39 9.05 1.77 19.42
N ALA A 40 8.94 0.50 19.04
CA ALA A 40 9.73 0.00 17.92
C ALA A 40 9.30 0.68 16.63
N LEU A 41 7.99 0.76 16.40
CA LEU A 41 7.51 1.46 15.21
C LEU A 41 7.89 2.94 15.24
N VAL A 42 7.83 3.55 16.43
CA VAL A 42 8.20 4.95 16.55
C VAL A 42 9.61 5.16 16.02
N GLU A 43 10.56 4.35 16.50
CA GLU A 43 11.94 4.52 16.07
C GLU A 43 12.11 4.16 14.60
N TYR A 44 11.39 3.15 14.15
CA TYR A 44 11.49 2.72 12.75
C TYR A 44 11.15 3.85 11.79
N TYR A 45 10.00 4.49 12.00
CA TYR A 45 9.59 5.58 11.12
C TYR A 45 10.41 6.85 11.37
N ARG A 46 10.78 7.09 12.63
CA ARG A 46 11.60 8.25 12.94
C ARG A 46 12.96 8.17 12.21
N GLN A 47 13.56 6.98 12.21
CA GLN A 47 14.84 6.74 11.52
C GLN A 47 14.77 7.08 10.05
N ARG A 48 13.60 6.87 9.46
CA ARG A 48 13.43 7.01 8.02
C ARG A 48 12.86 8.37 7.62
N SER A 49 12.52 9.18 8.63
CA SER A 49 11.90 10.49 8.40
C SER A 49 12.93 11.53 7.94
N THR A 50 12.51 12.37 7.00
CA THR A 50 13.29 13.54 6.57
C THR A 50 12.38 14.77 6.53
N ALA A 51 12.97 15.95 6.59
CA ALA A 51 12.18 17.17 6.50
C ALA A 51 11.52 17.26 5.12
N GLY A 52 10.19 17.28 5.08
CA GLY A 52 9.45 17.28 3.82
C GLY A 52 9.51 15.96 3.03
N GLY A 53 9.82 14.87 3.71
CA GLY A 53 9.80 13.56 3.06
C GLY A 53 8.49 12.84 3.34
N PHE A 54 7.97 12.16 2.33
CA PHE A 54 6.70 11.44 2.43
C PHE A 54 6.92 10.00 2.87
N LEU A 55 6.20 9.59 3.92
CA LEU A 55 6.20 8.21 4.44
C LEU A 55 4.81 7.60 4.32
N ILE A 56 4.75 6.35 3.84
CA ILE A 56 3.49 5.57 3.86
C ILE A 56 3.69 4.40 4.81
N THR A 57 2.79 4.24 5.78
CA THR A 57 2.97 3.15 6.74
C THR A 57 2.76 1.76 6.12
N GLU A 58 3.29 0.76 6.82
CA GLU A 58 2.87 -0.63 6.67
C GLU A 58 1.34 -0.73 6.62
N GLY A 59 0.86 -1.72 5.90
CA GLY A 59 -0.56 -2.04 5.90
C GLY A 59 -1.12 -2.15 7.31
N THR A 60 -2.26 -1.47 7.53
CA THR A 60 -2.85 -1.34 8.86
C THR A 60 -4.30 -1.84 8.81
N MET A 61 -4.64 -2.76 9.72
CA MET A 61 -5.96 -3.40 9.75
C MET A 61 -7.10 -2.42 9.94
N ILE A 62 -8.18 -2.58 9.18
CA ILE A 62 -9.38 -1.75 9.36
C ILE A 62 -10.42 -2.45 10.21
N SER A 63 -10.18 -3.72 10.51
CA SER A 63 -11.14 -4.54 11.25
C SER A 63 -10.49 -5.83 11.74
N PRO A 64 -11.14 -6.54 12.67
CA PRO A 64 -10.61 -7.84 13.08
C PRO A 64 -10.51 -8.87 11.96
N SER A 65 -11.30 -8.73 10.90
CA SER A 65 -11.27 -9.72 9.81
C SER A 65 -10.24 -9.35 8.74
N SER A 66 -9.58 -8.21 8.94
CA SER A 66 -8.61 -7.64 7.99
C SER A 66 -7.26 -8.33 7.93
N ALA A 67 -6.95 -9.10 8.96
CA ALA A 67 -5.57 -9.55 9.16
C ALA A 67 -5.21 -10.82 8.39
N GLY A 68 -3.99 -10.85 7.88
CA GLY A 68 -3.43 -12.04 7.23
C GLY A 68 -1.94 -12.22 7.49
N PHE A 69 -1.43 -11.48 8.48
CA PHE A 69 -0.05 -11.56 8.93
C PHE A 69 -0.07 -11.42 10.46
N PRO A 70 0.97 -11.92 11.15
CA PRO A 70 1.01 -11.72 12.60
C PRO A 70 1.56 -10.35 13.01
N HIS A 71 1.06 -9.83 14.13
CA HIS A 71 1.57 -8.61 14.76
C HIS A 71 1.66 -7.44 13.78
N VAL A 72 0.63 -7.28 12.96
CA VAL A 72 0.48 -6.08 12.14
C VAL A 72 -0.47 -5.12 12.86
N PRO A 73 -0.26 -3.81 12.69
CA PRO A 73 -1.04 -2.84 13.44
C PRO A 73 -2.46 -2.70 12.91
N GLY A 74 -3.36 -2.26 13.78
CA GLY A 74 -4.70 -1.92 13.36
C GLY A 74 -4.93 -0.45 13.65
N ILE A 75 -6.06 0.07 13.20
CA ILE A 75 -6.41 1.44 13.54
C ILE A 75 -7.93 1.49 13.79
N PHE A 76 -8.47 0.42 14.36
CA PHE A 76 -9.89 0.36 14.67
C PHE A 76 -10.22 0.37 16.17
N THR A 77 -9.22 0.44 17.03
CA THR A 77 -9.49 0.64 18.46
C THR A 77 -8.81 1.91 18.99
N LYS A 78 -9.31 2.43 20.12
CA LYS A 78 -8.72 3.59 20.76
C LYS A 78 -7.27 3.34 21.15
N GLU A 79 -6.99 2.14 21.66
CA GLU A 79 -5.65 1.76 22.08
C GLU A 79 -4.69 1.82 20.89
N GLN A 80 -5.15 1.35 19.73
CA GLN A 80 -4.34 1.40 18.51
C GLN A 80 -4.09 2.84 18.09
N VAL A 81 -5.14 3.66 18.13
CA VAL A 81 -5.00 5.06 17.76
C VAL A 81 -3.97 5.75 18.68
N GLU A 82 -4.03 5.46 19.96
CA GLU A 82 -3.09 6.05 20.91
C GLU A 82 -1.66 5.65 20.60
N GLY A 83 -1.48 4.41 20.14
CA GLY A 83 -0.16 3.94 19.75
C GLY A 83 0.36 4.67 18.52
N TRP A 84 -0.51 4.82 17.51
CA TRP A 84 -0.15 5.55 16.30
C TRP A 84 0.20 7.02 16.57
N LYS A 85 -0.48 7.64 17.52
CA LYS A 85 -0.17 9.05 17.88
C LYS A 85 1.31 9.23 18.14
N LYS A 86 1.90 8.28 18.87
CA LYS A 86 3.31 8.39 19.20
C LYS A 86 4.19 8.27 17.96
N VAL A 87 3.81 7.39 17.04
CA VAL A 87 4.56 7.24 15.79
C VAL A 87 4.48 8.53 14.96
N VAL A 88 3.24 9.00 14.78
CA VAL A 88 2.97 10.18 13.98
C VAL A 88 3.65 11.43 14.56
N ASP A 89 3.56 11.62 15.86
CA ASP A 89 4.20 12.79 16.47
C ASP A 89 5.70 12.80 16.22
N ALA A 90 6.33 11.63 16.30
CA ALA A 90 7.78 11.57 16.11
C ALA A 90 8.14 11.89 14.66
N ALA A 91 7.38 11.33 13.71
CA ALA A 91 7.60 11.61 12.30
C ALA A 91 7.44 13.10 12.02
N HIS A 92 6.43 13.71 12.64
CA HIS A 92 6.15 15.11 12.38
C HIS A 92 7.23 16.01 12.99
N LYS A 93 7.79 15.56 14.11
CA LYS A 93 8.88 16.30 14.73
C LYS A 93 10.09 16.40 13.80
N GLU A 94 10.24 15.40 12.93
CA GLU A 94 11.30 15.41 11.92
C GLU A 94 10.91 16.13 10.64
N GLY A 95 9.66 16.57 10.55
CA GLY A 95 9.20 17.28 9.36
C GLY A 95 8.60 16.40 8.27
N ALA A 96 8.38 15.13 8.59
CA ALA A 96 7.81 14.21 7.60
C ALA A 96 6.33 14.45 7.37
N VAL A 97 5.86 14.02 6.20
CA VAL A 97 4.43 13.89 5.91
C VAL A 97 4.15 12.39 5.92
N ILE A 98 3.09 11.96 6.63
CA ILE A 98 2.89 10.51 6.81
C ILE A 98 1.43 10.12 6.58
N PHE A 99 1.24 9.12 5.71
CA PHE A 99 -0.08 8.55 5.43
C PHE A 99 -0.17 7.15 6.01
N CYS A 100 -1.33 6.78 6.53
CA CYS A 100 -1.54 5.41 7.02
C CYS A 100 -2.17 4.53 5.92
N GLN A 101 -1.53 3.40 5.59
CA GLN A 101 -2.14 2.53 4.59
C GLN A 101 -3.21 1.62 5.21
N LEU A 102 -4.43 1.73 4.69
CA LEU A 102 -5.56 0.93 5.18
C LEU A 102 -5.67 -0.37 4.40
N TRP A 103 -5.59 -1.49 5.11
CA TRP A 103 -5.33 -2.80 4.52
C TRP A 103 -6.35 -3.84 4.93
N HIS A 104 -7.03 -4.46 3.97
CA HIS A 104 -7.85 -5.61 4.28
C HIS A 104 -7.40 -6.73 3.34
N VAL A 105 -7.05 -7.89 3.88
CA VAL A 105 -6.40 -8.93 3.09
C VAL A 105 -7.38 -9.82 2.31
N GLY A 106 -8.67 -9.75 2.67
CA GLY A 106 -9.63 -10.63 2.02
C GLY A 106 -9.24 -12.09 2.19
N ARG A 107 -9.25 -12.84 1.09
CA ARG A 107 -9.04 -14.29 1.16
C ARG A 107 -7.61 -14.69 1.48
N ALA A 108 -6.70 -13.72 1.44
CA ALA A 108 -5.29 -13.98 1.75
C ALA A 108 -5.09 -14.00 3.26
N SER A 109 -5.69 -14.98 3.91
CA SER A 109 -5.67 -15.09 5.36
C SER A 109 -5.84 -16.56 5.72
N HIS A 110 -6.17 -16.82 6.98
CA HIS A 110 -6.23 -18.18 7.53
C HIS A 110 -7.14 -18.12 8.76
N GLN A 111 -7.74 -19.25 9.13
CA GLN A 111 -8.64 -19.26 10.28
C GLN A 111 -7.97 -18.73 11.54
N VAL A 112 -6.67 -18.97 11.66
CA VAL A 112 -5.94 -18.58 12.88
C VAL A 112 -5.89 -17.06 13.03
N TYR A 113 -6.08 -16.33 11.93
CA TYR A 113 -6.07 -14.87 11.97
C TYR A 113 -7.46 -14.26 12.14
N GLN A 114 -8.49 -15.09 12.09
CA GLN A 114 -9.85 -14.58 12.01
C GLN A 114 -10.57 -14.66 13.35
N PRO A 115 -11.40 -13.64 13.66
CA PRO A 115 -12.21 -13.69 14.87
C PRO A 115 -13.07 -14.95 14.90
N GLY A 116 -13.05 -15.66 16.02
CA GLY A 116 -13.80 -16.89 16.17
C GLY A 116 -13.40 -18.02 15.22
N GLY A 117 -12.27 -17.85 14.53
CA GLY A 117 -11.84 -18.85 13.57
C GLY A 117 -12.68 -18.89 12.31
N ALA A 118 -13.39 -17.79 12.04
CA ALA A 118 -14.24 -17.68 10.85
C ALA A 118 -13.43 -17.78 9.56
N ALA A 119 -14.08 -18.17 8.46
CA ALA A 119 -13.44 -18.14 7.16
C ALA A 119 -13.11 -16.70 6.78
N PRO A 120 -11.94 -16.48 6.14
CA PRO A 120 -11.65 -15.20 5.51
C PRO A 120 -12.73 -14.86 4.51
N ILE A 121 -12.96 -13.59 4.26
CA ILE A 121 -13.98 -13.18 3.32
C ILE A 121 -13.38 -12.70 2.00
N SER A 122 -14.19 -12.73 0.94
CA SER A 122 -13.70 -12.35 -0.37
C SER A 122 -14.84 -11.97 -1.31
N SER A 123 -14.49 -11.75 -2.57
CA SER A 123 -15.47 -11.63 -3.65
C SER A 123 -16.03 -13.01 -3.97
N THR A 124 -15.22 -14.02 -3.71
CA THR A 124 -15.39 -15.35 -4.28
C THR A 124 -15.29 -16.45 -3.23
N SER A 125 -15.67 -17.67 -3.60
CA SER A 125 -15.47 -18.86 -2.76
CA SER A 125 -15.45 -18.83 -2.74
C SER A 125 -14.17 -19.57 -3.11
N LYS A 126 -13.49 -19.10 -4.16
CA LYS A 126 -12.26 -19.78 -4.61
C LYS A 126 -11.06 -19.39 -3.76
N PRO A 127 -10.32 -20.39 -3.25
CA PRO A 127 -9.12 -20.07 -2.48
C PRO A 127 -7.92 -19.77 -3.37
N ILE A 128 -6.94 -19.07 -2.80
CA ILE A 128 -5.63 -18.97 -3.42
C ILE A 128 -5.11 -20.40 -3.62
N SER A 129 -4.44 -20.65 -4.74
CA SER A 129 -3.97 -22.01 -5.02
C SER A 129 -2.80 -22.43 -4.14
N LYS A 130 -2.54 -23.74 -4.12
CA LYS A 130 -1.50 -24.31 -3.26
C LYS A 130 -0.10 -23.93 -3.70
N LYS A 131 0.02 -23.26 -4.84
CA LYS A 131 1.30 -22.72 -5.29
C LYS A 131 1.80 -21.64 -4.31
N TRP A 132 0.91 -21.12 -3.48
CA TRP A 132 1.24 -20.07 -2.52
C TRP A 132 0.94 -20.55 -1.10
N GLU A 133 1.77 -20.16 -0.13
CA GLU A 133 1.52 -20.53 1.25
C GLU A 133 1.56 -19.29 2.16
N ILE A 134 0.88 -19.37 3.29
CA ILE A 134 0.75 -18.20 4.16
C ILE A 134 1.56 -18.38 5.44
N LEU A 135 2.30 -17.34 5.82
CA LEU A 135 3.03 -17.37 7.09
C LEU A 135 2.06 -17.36 8.25
N LEU A 136 2.23 -18.33 9.17
CA LEU A 136 1.34 -18.44 10.33
C LEU A 136 2.02 -17.85 11.56
N PRO A 137 1.23 -17.59 12.63
CA PRO A 137 1.79 -16.97 13.83
C PRO A 137 2.87 -17.81 14.51
N ASP A 138 2.90 -19.11 14.26
CA ASP A 138 3.89 -19.97 14.91
C ASP A 138 5.13 -20.18 14.05
N ALA A 139 5.33 -19.32 13.05
CA ALA A 139 6.50 -19.34 12.18
C ALA A 139 6.59 -20.61 11.32
N THR A 140 5.45 -21.21 11.04
CA THR A 140 5.35 -22.25 10.01
C THR A 140 4.53 -21.69 8.85
N TYR A 141 4.50 -22.39 7.72
CA TYR A 141 3.67 -21.96 6.60
C TYR A 141 2.48 -22.87 6.40
N GLY A 142 1.33 -22.26 6.20
CA GLY A 142 0.09 -23.02 6.06
C GLY A 142 -0.60 -22.84 4.73
N THR A 143 -1.76 -23.46 4.61
CA THR A 143 -2.55 -23.46 3.39
C THR A 143 -3.62 -22.38 3.44
N TYR A 144 -3.74 -21.60 2.37
CA TYR A 144 -4.85 -20.67 2.24
C TYR A 144 -6.18 -21.44 2.16
N PRO A 145 -7.15 -21.11 3.04
CA PRO A 145 -8.43 -21.82 3.05
C PRO A 145 -9.44 -21.25 2.05
N GLU A 146 -10.55 -21.97 1.88
CA GLU A 146 -11.65 -21.47 1.08
C GLU A 146 -12.27 -20.25 1.76
N PRO A 147 -12.31 -19.11 1.04
CA PRO A 147 -12.92 -17.92 1.61
C PRO A 147 -14.44 -17.93 1.49
N ARG A 148 -15.11 -17.06 2.23
CA ARG A 148 -16.56 -16.89 2.13
C ARG A 148 -16.87 -15.64 1.33
N PRO A 149 -17.67 -15.77 0.27
CA PRO A 149 -18.01 -14.59 -0.53
C PRO A 149 -19.00 -13.67 0.18
N LEU A 150 -18.64 -12.40 0.25
CA LEU A 150 -19.46 -11.38 0.89
C LEU A 150 -20.79 -11.18 0.16
N ALA A 151 -21.86 -11.02 0.93
CA ALA A 151 -23.11 -10.54 0.38
C ALA A 151 -22.98 -9.03 0.20
N ALA A 152 -23.83 -8.45 -0.65
CA ALA A 152 -23.80 -7.02 -0.94
C ALA A 152 -23.85 -6.14 0.32
N ASN A 153 -24.75 -6.47 1.26
CA ASN A 153 -24.82 -5.69 2.51
C ASN A 153 -23.53 -5.78 3.33
N GLU A 154 -22.83 -6.90 3.21
CA GLU A 154 -21.58 -7.09 3.95
C GLU A 154 -20.45 -6.25 3.37
N ILE A 155 -20.44 -6.13 2.05
CA ILE A 155 -19.51 -5.23 1.37
C ILE A 155 -19.67 -3.81 1.89
N LEU A 156 -20.90 -3.36 2.06
CA LEU A 156 -21.15 -2.03 2.58
C LEU A 156 -20.62 -1.90 4.01
N GLU A 157 -20.67 -3.00 4.76
CA GLU A 157 -20.12 -2.99 6.11
C GLU A 157 -18.61 -2.77 6.06
N VAL A 158 -17.95 -3.37 5.06
CA VAL A 158 -16.50 -3.20 4.94
C VAL A 158 -16.19 -1.75 4.52
N VAL A 159 -17.00 -1.18 3.64
CA VAL A 159 -16.85 0.24 3.30
C VAL A 159 -16.91 1.10 4.55
N GLU A 160 -17.84 0.78 5.44
CA GLU A 160 -17.96 1.51 6.70
C GLU A 160 -16.69 1.35 7.54
N ASP A 161 -16.13 0.14 7.53
CA ASP A 161 -14.87 -0.10 8.24
C ASP A 161 -13.74 0.78 7.71
N TYR A 162 -13.67 0.95 6.38
CA TYR A 162 -12.67 1.87 5.83
C TYR A 162 -12.92 3.31 6.25
N ARG A 163 -14.20 3.70 6.27
CA ARG A 163 -14.56 5.06 6.62
C ARG A 163 -14.10 5.38 8.04
N VAL A 164 -14.41 4.47 8.95
CA VAL A 164 -14.05 4.63 10.35
C VAL A 164 -12.54 4.64 10.54
N ALA A 165 -11.88 3.74 9.82
CA ALA A 165 -10.42 3.67 9.87
C ALA A 165 -9.81 5.01 9.44
N ALA A 166 -10.36 5.62 8.40
CA ALA A 166 -9.86 6.91 7.93
C ALA A 166 -10.03 8.00 8.97
N ILE A 167 -11.21 8.04 9.59
CA ILE A 167 -11.44 9.02 10.64
C ILE A 167 -10.47 8.79 11.80
N ASN A 168 -10.28 7.54 12.19
CA ASN A 168 -9.34 7.22 13.27
C ASN A 168 -7.90 7.61 12.92
N ALA A 169 -7.53 7.44 11.67
CA ALA A 169 -6.20 7.85 11.22
C ALA A 169 -6.02 9.35 11.46
N ILE A 170 -7.02 10.14 11.12
CA ILE A 170 -6.90 11.59 11.29
C ILE A 170 -6.85 11.96 12.78
N GLU A 171 -7.56 11.20 13.60
CA GLU A 171 -7.51 11.40 15.05
C GLU A 171 -6.11 11.15 15.58
N ALA A 172 -5.41 10.18 14.98
CA ALA A 172 -4.05 9.86 15.41
C ALA A 172 -3.04 10.89 14.94
N GLY A 173 -3.49 11.80 14.09
CA GLY A 173 -2.64 12.86 13.58
C GLY A 173 -2.06 12.61 12.20
N PHE A 174 -2.41 11.49 11.58
CA PHE A 174 -1.93 11.21 10.22
C PHE A 174 -2.29 12.34 9.26
N ASP A 175 -1.42 12.60 8.30
CA ASP A 175 -1.73 13.58 7.27
C ASP A 175 -2.78 13.07 6.28
N GLY A 176 -2.86 11.76 6.13
CA GLY A 176 -3.84 11.19 5.22
C GLY A 176 -3.79 9.67 5.26
N ILE A 177 -4.52 9.04 4.35
CA ILE A 177 -4.49 7.59 4.25
C ILE A 177 -4.29 7.12 2.80
N GLU A 178 -3.82 5.90 2.68
CA GLU A 178 -3.72 5.24 1.39
C GLU A 178 -4.60 3.99 1.38
N ILE A 179 -5.51 3.92 0.40
CA ILE A 179 -6.31 2.72 0.21
C ILE A 179 -5.47 1.63 -0.47
N HIS A 180 -5.22 0.54 0.26
CA HIS A 180 -4.50 -0.60 -0.32
C HIS A 180 -5.45 -1.38 -1.24
N GLY A 181 -5.33 -1.13 -2.55
CA GLY A 181 -6.13 -1.84 -3.54
C GLY A 181 -5.28 -2.68 -4.48
N ALA A 182 -4.16 -3.16 -3.96
CA ALA A 182 -3.17 -3.86 -4.77
C ALA A 182 -2.89 -5.29 -4.29
N HIS A 183 -2.07 -6.00 -5.07
CA HIS A 183 -1.41 -7.25 -4.68
C HIS A 183 -2.31 -8.38 -4.19
N GLY A 184 -3.46 -8.51 -4.85
CA GLY A 184 -4.36 -9.63 -4.61
C GLY A 184 -5.09 -9.63 -3.28
N TYR A 185 -5.11 -8.49 -2.60
CA TYR A 185 -5.85 -8.41 -1.34
C TYR A 185 -7.33 -8.09 -1.63
N LEU A 186 -8.10 -7.70 -0.61
CA LEU A 186 -9.57 -7.71 -0.75
C LEU A 186 -10.10 -6.94 -1.97
N LEU A 187 -9.71 -5.69 -2.11
CA LEU A 187 -10.23 -4.87 -3.20
C LEU A 187 -9.73 -5.39 -4.56
N ASP A 188 -8.52 -5.92 -4.61
CA ASP A 188 -7.97 -6.51 -5.83
C ASP A 188 -8.72 -7.81 -6.17
N GLN A 189 -9.24 -8.48 -5.14
CA GLN A 189 -10.04 -9.68 -5.35
C GLN A 189 -11.36 -9.39 -6.07
N PHE A 190 -11.80 -8.14 -5.99
CA PHE A 190 -12.96 -7.69 -6.75
C PHE A 190 -12.60 -7.14 -8.14
N MET A 191 -11.49 -6.40 -8.22
CA MET A 191 -11.11 -5.82 -9.51
C MET A 191 -10.66 -6.87 -10.56
N LYS A 192 -9.93 -7.90 -10.13
CA LYS A 192 -9.26 -8.82 -11.07
C LYS A 192 -10.22 -9.88 -11.58
N ASP A 193 -10.36 -10.00 -12.90
CA ASP A 193 -11.31 -10.99 -13.41
C ASP A 193 -10.76 -12.41 -13.27
N GLY A 194 -9.49 -12.53 -12.91
CA GLY A 194 -8.94 -13.83 -12.56
C GLY A 194 -9.44 -14.35 -11.22
N ILE A 195 -10.00 -13.47 -10.39
CA ILE A 195 -10.50 -13.84 -9.07
C ILE A 195 -12.02 -13.69 -8.97
N ASN A 196 -12.52 -12.55 -9.44
CA ASN A 196 -13.93 -12.20 -9.29
C ASN A 196 -14.80 -13.01 -10.25
N ASP A 197 -15.48 -14.01 -9.71
CA ASP A 197 -16.40 -14.82 -10.51
C ASP A 197 -17.86 -14.55 -10.12
N ARG A 198 -18.12 -13.38 -9.53
CA ARG A 198 -19.47 -13.02 -9.10
C ARG A 198 -20.41 -12.79 -10.28
N THR A 199 -21.70 -13.03 -10.04
CA THR A 199 -22.71 -12.83 -11.08
C THR A 199 -23.64 -11.67 -10.72
N ASP A 200 -23.39 -11.03 -9.59
CA ASP A 200 -24.23 -9.92 -9.15
C ASP A 200 -23.64 -8.56 -9.54
N GLU A 201 -24.08 -7.51 -8.86
CA GLU A 201 -23.73 -6.14 -9.23
C GLU A 201 -22.27 -5.82 -8.93
N TYR A 202 -21.54 -6.75 -8.33
CA TYR A 202 -20.13 -6.56 -8.05
C TYR A 202 -19.22 -7.46 -8.88
N GLY A 203 -19.79 -8.11 -9.89
CA GLY A 203 -19.02 -8.97 -10.76
C GLY A 203 -19.30 -8.73 -12.23
N GLY A 204 -18.40 -9.19 -13.09
CA GLY A 204 -18.61 -9.10 -14.52
C GLY A 204 -17.91 -7.91 -15.16
N SER A 205 -18.69 -6.88 -15.49
CA SER A 205 -18.17 -5.71 -16.19
C SER A 205 -17.14 -4.96 -15.35
N LEU A 206 -16.31 -4.17 -16.02
CA LEU A 206 -15.33 -3.33 -15.33
C LEU A 206 -16.06 -2.39 -14.36
N GLU A 207 -17.21 -1.88 -14.79
CA GLU A 207 -18.05 -1.06 -13.95
C GLU A 207 -18.37 -1.77 -12.63
N ASN A 208 -18.78 -3.03 -12.72
CA ASN A 208 -19.13 -3.79 -11.52
C ASN A 208 -17.93 -4.15 -10.66
N ARG A 209 -16.82 -4.49 -11.31
CA ARG A 209 -15.63 -4.91 -10.59
C ARG A 209 -14.94 -3.76 -9.88
N CYS A 210 -15.09 -2.55 -10.42
CA CYS A 210 -14.48 -1.36 -9.81
C CYS A 210 -15.36 -0.70 -8.76
N LYS A 211 -16.60 -1.19 -8.65
CA LYS A 211 -17.59 -0.58 -7.77
C LYS A 211 -17.14 -0.52 -6.31
N PHE A 212 -16.67 -1.64 -5.78
CA PHE A 212 -16.28 -1.71 -4.37
C PHE A 212 -15.16 -0.69 -4.09
N ILE A 213 -14.08 -0.73 -4.85
CA ILE A 213 -12.98 0.17 -4.52
C ILE A 213 -13.41 1.63 -4.71
N LEU A 214 -14.27 1.91 -5.68
CA LEU A 214 -14.74 3.28 -5.84
C LEU A 214 -15.65 3.70 -4.67
N GLN A 215 -16.44 2.76 -4.15
CA GLN A 215 -17.25 3.06 -2.96
C GLN A 215 -16.36 3.39 -1.77
N VAL A 216 -15.26 2.65 -1.63
CA VAL A 216 -14.28 2.95 -0.59
C VAL A 216 -13.66 4.35 -0.78
N VAL A 217 -13.22 4.67 -2.00
CA VAL A 217 -12.62 5.98 -2.24
C VAL A 217 -13.62 7.09 -1.93
N GLN A 218 -14.87 6.88 -2.32
CA GLN A 218 -15.89 7.89 -2.09
C GLN A 218 -16.15 8.09 -0.61
N ALA A 219 -16.14 6.99 0.14
CA ALA A 219 -16.47 7.04 1.56
C ALA A 219 -15.36 7.73 2.35
N VAL A 220 -14.11 7.35 2.10
CA VAL A 220 -13.01 7.97 2.85
C VAL A 220 -12.83 9.43 2.43
N SER A 221 -13.09 9.78 1.16
CA SER A 221 -13.01 11.18 0.75
C SER A 221 -14.07 12.01 1.45
N ALA A 222 -15.27 11.46 1.56
CA ALA A 222 -16.34 12.13 2.32
C ALA A 222 -15.96 12.36 3.78
N ALA A 223 -15.26 11.38 4.35
CA ALA A 223 -14.94 11.41 5.77
C ALA A 223 -13.81 12.38 6.12
N ILE A 224 -12.74 12.42 5.32
CA ILE A 224 -11.57 13.20 5.69
C ILE A 224 -11.07 14.16 4.60
N GLY A 225 -11.73 14.14 3.44
CA GLY A 225 -11.35 15.03 2.35
C GLY A 225 -10.57 14.31 1.27
N THR A 226 -10.89 14.62 0.02
CA THR A 226 -10.19 14.05 -1.13
C THR A 226 -8.68 14.24 -1.05
N ASP A 227 -8.26 15.40 -0.56
CA ASP A 227 -6.85 15.76 -0.58
C ASP A 227 -6.04 15.00 0.48
N ARG A 228 -6.71 14.21 1.32
CA ARG A 228 -6.03 13.36 2.29
C ARG A 228 -6.11 11.89 1.92
N VAL A 229 -6.53 11.60 0.68
CA VAL A 229 -6.74 10.22 0.27
C VAL A 229 -5.84 9.84 -0.91
N GLY A 230 -5.05 8.78 -0.71
CA GLY A 230 -4.28 8.21 -1.79
C GLY A 230 -4.78 6.79 -2.07
N ILE A 231 -4.51 6.27 -3.25
CA ILE A 231 -5.00 4.95 -3.61
C ILE A 231 -3.89 4.17 -4.29
N ARG A 232 -3.70 2.93 -3.87
CA ARG A 232 -2.68 2.07 -4.46
C ARG A 232 -3.28 0.88 -5.22
N ILE A 233 -2.85 0.69 -6.47
CA ILE A 233 -3.29 -0.46 -7.25
C ILE A 233 -2.11 -1.14 -7.96
N SER A 234 -2.35 -2.32 -8.48
CA SER A 234 -1.32 -3.07 -9.20
C SER A 234 -1.97 -3.97 -10.25
N PRO A 235 -2.47 -3.35 -11.33
CA PRO A 235 -3.22 -4.12 -12.34
C PRO A 235 -2.40 -5.22 -13.00
N ALA A 236 -1.08 -5.06 -13.04
CA ALA A 236 -0.24 -6.04 -13.72
C ALA A 236 0.61 -6.93 -12.80
N ILE A 237 0.36 -6.92 -11.49
CA ILE A 237 1.07 -7.85 -10.60
C ILE A 237 0.18 -9.05 -10.24
N ASP A 238 0.75 -10.25 -10.36
CA ASP A 238 0.07 -11.55 -10.34
C ASP A 238 0.02 -12.22 -8.95
N HIS A 239 0.62 -11.57 -7.96
CA HIS A 239 0.81 -12.11 -6.61
C HIS A 239 -0.42 -12.83 -6.01
N THR A 240 -0.19 -14.06 -5.54
CA THR A 240 -1.24 -14.91 -4.97
C THR A 240 -2.47 -15.06 -5.89
N ASP A 241 -2.20 -15.48 -7.13
CA ASP A 241 -3.26 -15.75 -8.10
C ASP A 241 -4.18 -14.56 -8.27
N ALA A 242 -3.60 -13.42 -8.62
CA ALA A 242 -4.38 -12.20 -8.78
C ALA A 242 -4.15 -11.59 -10.15
N MET A 243 -4.52 -12.34 -11.18
CA MET A 243 -4.30 -11.87 -12.55
C MET A 243 -5.58 -11.32 -13.16
N ASP A 244 -5.44 -10.36 -14.06
CA ASP A 244 -6.54 -9.89 -14.87
C ASP A 244 -6.24 -10.17 -16.33
N SER A 245 -7.25 -10.49 -17.13
CA SER A 245 -7.04 -10.80 -18.54
C SER A 245 -6.59 -9.59 -19.35
N ASP A 246 -6.81 -8.39 -18.83
CA ASP A 246 -6.45 -7.18 -19.56
C ASP A 246 -6.01 -6.05 -18.60
N PRO A 247 -4.82 -6.18 -18.02
CA PRO A 247 -4.33 -5.22 -17.03
C PRO A 247 -4.38 -3.78 -17.52
N ARG A 248 -4.06 -3.55 -18.79
CA ARG A 248 -4.12 -2.18 -19.33
C ARG A 248 -5.51 -1.59 -19.18
N SER A 249 -6.54 -2.33 -19.59
CA SER A 249 -7.91 -1.84 -19.50
C SER A 249 -8.37 -1.71 -18.04
N LEU A 250 -7.96 -2.66 -17.19
CA LEU A 250 -8.33 -2.59 -15.78
C LEU A 250 -7.78 -1.32 -15.17
N GLY A 251 -6.49 -1.05 -15.40
CA GLY A 251 -5.86 0.15 -14.90
C GLY A 251 -6.54 1.40 -15.40
N LEU A 252 -6.82 1.46 -16.70
CA LEU A 252 -7.49 2.63 -17.26
C LEU A 252 -8.92 2.78 -16.71
N ALA A 253 -9.59 1.66 -16.44
CA ALA A 253 -10.96 1.70 -15.90
C ALA A 253 -10.99 2.33 -14.53
N VAL A 254 -10.05 1.92 -13.67
CA VAL A 254 -9.93 2.52 -12.36
C VAL A 254 -9.65 4.01 -12.51
N ILE A 255 -8.68 4.34 -13.35
CA ILE A 255 -8.23 5.73 -13.52
C ILE A 255 -9.35 6.64 -14.07
N GLU A 256 -10.09 6.18 -15.07
CA GLU A 256 -11.21 6.95 -15.59
C GLU A 256 -12.22 7.27 -14.49
N ARG A 257 -12.43 6.33 -13.59
CA ARG A 257 -13.38 6.52 -12.50
C ARG A 257 -12.84 7.51 -11.45
N LEU A 258 -11.55 7.43 -11.17
CA LEU A 258 -10.93 8.39 -10.27
C LEU A 258 -11.01 9.80 -10.87
N ASN A 259 -10.72 9.90 -12.18
CA ASN A 259 -10.78 11.20 -12.85
C ASN A 259 -12.19 11.79 -12.78
N LYS A 260 -13.19 10.95 -13.03
CA LYS A 260 -14.58 11.40 -13.02
C LYS A 260 -15.03 11.81 -11.63
N LEU A 261 -14.59 11.07 -10.62
CA LEU A 261 -14.94 11.39 -9.25
C LEU A 261 -14.31 12.73 -8.84
N GLN A 262 -13.05 12.91 -9.19
CA GLN A 262 -12.36 14.17 -8.92
C GLN A 262 -13.10 15.33 -9.57
N PHE A 263 -13.48 15.13 -10.82
CA PHE A 263 -14.19 16.18 -11.54
C PHE A 263 -15.54 16.47 -10.89
N LYS A 264 -16.23 15.42 -10.48
CA LYS A 264 -17.55 15.57 -9.86
C LYS A 264 -17.47 16.31 -8.52
N LEU A 265 -16.54 15.89 -7.66
CA LEU A 265 -16.42 16.45 -6.32
C LEU A 265 -15.79 17.84 -6.33
N GLY A 266 -14.94 18.12 -7.32
CA GLY A 266 -14.31 19.42 -7.47
C GLY A 266 -12.90 19.54 -6.91
N SER A 267 -12.27 18.41 -6.62
CA SER A 267 -10.92 18.40 -6.08
C SER A 267 -10.21 17.11 -6.44
N ARG A 268 -8.88 17.11 -6.27
CA ARG A 268 -8.08 15.93 -6.61
C ARG A 268 -7.72 15.11 -5.39
N LEU A 269 -7.65 13.79 -5.58
CA LEU A 269 -7.08 12.93 -4.56
C LEU A 269 -5.63 13.31 -4.33
N ALA A 270 -5.08 12.87 -3.20
CA ALA A 270 -3.69 13.13 -2.89
C ALA A 270 -2.76 12.56 -3.97
N TYR A 271 -3.04 11.34 -4.41
CA TYR A 271 -2.25 10.70 -5.47
C TYR A 271 -2.83 9.36 -5.90
N LEU A 272 -2.36 8.89 -7.05
CA LEU A 272 -2.48 7.51 -7.48
C LEU A 272 -1.10 6.87 -7.37
N HIS A 273 -1.05 5.66 -6.84
CA HIS A 273 0.18 4.94 -6.51
C HIS A 273 0.09 3.57 -7.18
N VAL A 274 0.99 3.30 -8.13
CA VAL A 274 0.91 2.04 -8.87
C VAL A 274 2.21 1.28 -8.74
N THR A 275 2.10 0.01 -8.36
CA THR A 275 3.28 -0.86 -8.32
C THR A 275 3.37 -1.67 -9.58
N GLN A 276 4.59 -1.87 -10.07
CA GLN A 276 4.79 -2.62 -11.30
C GLN A 276 5.65 -3.85 -11.05
N PRO A 277 5.43 -4.90 -11.84
CA PRO A 277 6.28 -6.09 -11.76
C PRO A 277 7.64 -5.84 -12.40
N ARG A 278 8.63 -6.64 -12.04
CA ARG A 278 9.95 -6.56 -12.66
C ARG A 278 10.33 -7.93 -13.19
N TYR A 279 11.33 -7.98 -14.06
CA TYR A 279 11.68 -9.24 -14.74
C TYR A 279 13.16 -9.55 -14.62
N THR A 280 13.76 -9.04 -13.56
CA THR A 280 15.15 -9.34 -13.25
C THR A 280 15.20 -10.45 -12.22
N ALA A 281 16.39 -11.02 -12.04
CA ALA A 281 16.57 -12.10 -11.10
C ALA A 281 16.19 -11.68 -9.68
N ASP A 282 16.63 -10.49 -9.29
CA ASP A 282 16.43 -10.01 -7.92
C ASP A 282 15.23 -9.09 -7.77
N GLY A 283 14.51 -8.83 -8.86
CA GLY A 283 13.33 -7.98 -8.81
C GLY A 283 13.62 -6.49 -8.70
N HIS A 284 14.89 -6.12 -8.88
CA HIS A 284 15.28 -4.72 -8.93
C HIS A 284 15.67 -4.34 -10.35
N GLY A 285 15.39 -3.09 -10.73
CA GLY A 285 15.91 -2.54 -11.97
C GLY A 285 15.46 -3.25 -13.23
N GLN A 286 16.21 -3.07 -14.32
CA GLN A 286 15.81 -3.58 -15.62
C GLN A 286 16.79 -4.61 -16.16
N THR A 287 16.30 -5.50 -17.03
CA THR A 287 17.13 -6.55 -17.62
C THR A 287 18.24 -5.96 -18.49
N GLY A 293 11.46 -6.52 -23.00
CA GLY A 293 10.37 -7.22 -23.64
C GLY A 293 9.09 -7.07 -22.83
N SER A 294 8.92 -7.94 -21.84
CA SER A 294 7.89 -7.76 -20.83
C SER A 294 8.21 -6.46 -20.11
N GLU A 295 9.50 -6.20 -19.97
CA GLU A 295 10.03 -4.99 -19.36
C GLU A 295 9.53 -3.74 -20.08
N GLU A 296 9.69 -3.72 -21.40
CA GLU A 296 9.28 -2.58 -22.20
C GLU A 296 7.76 -2.40 -22.18
N GLU A 297 7.05 -3.53 -22.25
CA GLU A 297 5.59 -3.50 -22.17
C GLU A 297 5.12 -2.90 -20.84
N VAL A 298 5.72 -3.36 -19.74
CA VAL A 298 5.36 -2.87 -18.41
C VAL A 298 5.67 -1.38 -18.29
N ALA A 299 6.82 -0.99 -18.79
CA ALA A 299 7.23 0.42 -18.77
C ALA A 299 6.24 1.28 -19.54
N GLN A 300 5.76 0.81 -20.69
CA GLN A 300 4.81 1.62 -21.45
C GLN A 300 3.44 1.67 -20.76
N LEU A 301 3.02 0.55 -20.16
CA LEU A 301 1.79 0.51 -19.36
C LEU A 301 1.79 1.60 -18.31
N MET A 302 2.90 1.71 -17.60
CA MET A 302 3.04 2.69 -16.52
C MET A 302 2.98 4.11 -17.05
N LYS A 303 3.56 4.34 -18.23
CA LYS A 303 3.51 5.66 -18.83
C LYS A 303 2.09 5.98 -19.31
N THR A 304 1.40 4.97 -19.83
CA THR A 304 0.03 5.14 -20.29
C THR A 304 -0.91 5.48 -19.13
N TRP A 305 -0.75 4.75 -18.02
CA TRP A 305 -1.56 5.00 -16.83
C TRP A 305 -1.27 6.38 -16.23
N ARG A 306 0.01 6.75 -16.13
CA ARG A 306 0.42 8.10 -15.70
C ARG A 306 -0.26 9.16 -16.53
N GLY A 307 -0.18 9.00 -17.84
CA GLY A 307 -0.70 10.00 -18.76
C GLY A 307 -2.20 10.15 -18.66
N ALA A 308 -2.89 9.07 -18.30
CA ALA A 308 -4.34 9.09 -18.26
C ALA A 308 -4.89 9.64 -16.95
N TYR A 309 -4.10 9.55 -15.88
CA TYR A 309 -4.55 9.99 -14.55
C TYR A 309 -4.30 11.48 -14.34
N VAL A 310 -5.35 12.20 -13.96
CA VAL A 310 -5.25 13.62 -13.67
C VAL A 310 -4.85 13.82 -12.21
N GLY A 311 -3.57 14.05 -11.97
CA GLY A 311 -3.09 14.27 -10.62
C GLY A 311 -1.71 13.68 -10.38
N THR A 312 -1.37 13.56 -9.11
CA THR A 312 -0.04 13.10 -8.68
C THR A 312 0.06 11.59 -8.83
N PHE A 313 1.20 11.14 -9.36
CA PHE A 313 1.42 9.72 -9.63
C PHE A 313 2.70 9.25 -8.97
N ILE A 314 2.57 8.22 -8.13
CA ILE A 314 3.70 7.56 -7.47
C ILE A 314 3.96 6.22 -8.13
N CYS A 315 5.19 5.98 -8.54
CA CYS A 315 5.54 4.67 -9.07
C CYS A 315 6.33 3.89 -8.04
N CYS A 316 6.22 2.57 -8.10
CA CYS A 316 6.93 1.70 -7.17
C CYS A 316 7.15 0.33 -7.79
N GLY A 317 8.19 -0.36 -7.34
CA GLY A 317 8.43 -1.71 -7.81
C GLY A 317 9.75 -1.79 -8.56
N GLY A 318 10.80 -2.17 -7.82
CA GLY A 318 12.10 -2.38 -8.41
C GLY A 318 12.86 -1.13 -8.81
N TYR A 319 12.44 0.04 -8.33
CA TYR A 319 13.15 1.26 -8.71
C TYR A 319 14.51 1.33 -8.02
N THR A 320 15.46 1.88 -8.75
CA THR A 320 16.83 2.04 -8.31
C THR A 320 17.10 3.52 -8.31
N ARG A 321 18.29 3.93 -7.88
CA ARG A 321 18.64 5.35 -7.95
C ARG A 321 18.53 5.86 -9.39
N GLU A 322 19.13 5.14 -10.33
CA GLU A 322 19.08 5.60 -11.72
C GLU A 322 17.66 5.59 -12.30
N LEU A 323 16.90 4.54 -12.02
CA LEU A 323 15.54 4.45 -12.54
C LEU A 323 14.62 5.49 -11.90
N GLY A 324 14.87 5.80 -10.62
CA GLY A 324 14.08 6.82 -9.94
C GLY A 324 14.36 8.20 -10.51
N LEU A 325 15.64 8.50 -10.72
CA LEU A 325 16.03 9.74 -11.37
C LEU A 325 15.38 9.88 -12.75
N GLN A 326 15.44 8.83 -13.55
CA GLN A 326 14.87 8.89 -14.90
C GLN A 326 13.37 9.10 -14.86
N ALA A 327 12.70 8.38 -13.95
CA ALA A 327 11.24 8.44 -13.85
C ALA A 327 10.76 9.88 -13.65
N VAL A 328 11.39 10.61 -12.73
CA VAL A 328 10.96 11.97 -12.44
C VAL A 328 11.42 12.92 -13.55
N ALA A 329 12.64 12.74 -14.02
CA ALA A 329 13.23 13.61 -15.03
C ALA A 329 12.47 13.57 -16.34
N GLN A 330 11.99 12.38 -16.72
CA GLN A 330 11.27 12.22 -17.97
C GLN A 330 9.76 12.40 -17.83
N GLY A 331 9.32 12.72 -16.62
CA GLY A 331 7.91 13.02 -16.39
C GLY A 331 7.01 11.80 -16.23
N ASP A 332 7.61 10.63 -16.08
CA ASP A 332 6.87 9.36 -15.95
C ASP A 332 6.18 9.21 -14.61
N ALA A 333 6.63 9.99 -13.63
CA ALA A 333 6.07 9.95 -12.28
C ALA A 333 6.46 11.20 -11.53
N ASP A 334 5.67 11.56 -10.53
CA ASP A 334 5.98 12.70 -9.68
C ASP A 334 6.78 12.28 -8.46
N LEU A 335 6.50 11.08 -7.98
CA LEU A 335 7.14 10.58 -6.77
C LEU A 335 7.54 9.12 -6.97
N VAL A 336 8.64 8.72 -6.33
CA VAL A 336 9.12 7.36 -6.45
C VAL A 336 9.23 6.68 -5.10
N ALA A 337 8.51 5.58 -4.93
CA ALA A 337 8.52 4.89 -3.64
C ALA A 337 9.51 3.72 -3.69
N PHE A 338 10.15 3.50 -2.54
CA PHE A 338 11.12 2.42 -2.39
C PHE A 338 10.72 1.53 -1.23
N GLY A 339 10.67 0.22 -1.49
CA GLY A 339 10.32 -0.74 -0.45
C GLY A 339 11.52 -1.40 0.22
N ARG A 340 12.05 -2.43 -0.41
CA ARG A 340 13.15 -3.22 0.19
C ARG A 340 14.39 -2.39 0.54
N TYR A 341 14.81 -1.45 -0.31
CA TYR A 341 15.98 -0.62 0.03
C TYR A 341 15.72 0.19 1.31
N PHE A 342 14.49 0.63 1.53
CA PHE A 342 14.18 1.34 2.78
C PHE A 342 14.21 0.46 4.01
N VAL A 343 14.02 -0.84 3.84
CA VAL A 343 14.17 -1.75 4.97
C VAL A 343 15.58 -1.67 5.56
N SER A 344 16.59 -1.76 4.70
CA SER A 344 17.96 -1.82 5.17
C SER A 344 18.71 -0.49 5.20
N ASN A 345 18.09 0.56 4.66
CA ASN A 345 18.68 1.89 4.61
C ASN A 345 17.75 2.92 5.22
N PRO A 346 17.84 3.08 6.54
CA PRO A 346 16.94 4.04 7.21
C PRO A 346 17.14 5.44 6.61
N ASP A 347 18.39 5.79 6.31
CA ASP A 347 18.69 7.08 5.69
C ASP A 347 18.80 6.94 4.18
N LEU A 348 17.82 6.25 3.58
CA LEU A 348 17.85 6.06 2.14
C LEU A 348 17.87 7.36 1.34
N VAL A 349 17.12 8.38 1.77
CA VAL A 349 17.10 9.63 1.02
C VAL A 349 18.52 10.23 0.94
N LEU A 350 19.18 10.31 2.09
CA LEU A 350 20.58 10.79 2.13
C LEU A 350 21.51 9.97 1.26
N ARG A 351 21.41 8.65 1.37
CA ARG A 351 22.25 7.77 0.58
C ARG A 351 22.02 7.99 -0.92
N LEU A 352 20.77 8.17 -1.31
CA LEU A 352 20.50 8.44 -2.73
C LEU A 352 21.08 9.79 -3.13
N LYS A 353 20.95 10.79 -2.27
CA LYS A 353 21.47 12.11 -2.61
C LYS A 353 22.98 12.06 -2.76
N LEU A 354 23.66 11.29 -1.91
CA LEU A 354 25.11 11.22 -1.94
C LEU A 354 25.65 10.19 -2.93
N ASN A 355 24.74 9.44 -3.58
CA ASN A 355 25.13 8.24 -4.33
C ASN A 355 26.05 7.36 -3.50
N ALA A 356 25.64 7.11 -2.26
CA ALA A 356 26.36 6.23 -1.35
C ALA A 356 25.94 4.79 -1.57
N PRO A 357 26.75 3.83 -1.10
CA PRO A 357 26.32 2.43 -1.18
C PRO A 357 25.04 2.19 -0.39
N LEU A 358 24.22 1.25 -0.87
CA LEU A 358 23.03 0.86 -0.13
C LEU A 358 23.34 -0.43 0.64
N ASN A 359 22.96 -0.46 1.92
CA ASN A 359 23.06 -1.69 2.72
C ASN A 359 22.25 -2.80 2.10
N ARG A 360 22.78 -4.03 2.14
CA ARG A 360 22.00 -5.19 1.72
C ARG A 360 20.88 -5.42 2.73
N TYR A 361 19.74 -5.93 2.27
CA TYR A 361 18.64 -6.21 3.17
C TYR A 361 18.56 -7.70 3.44
N ASP A 362 18.18 -8.04 4.66
CA ASP A 362 18.03 -9.44 5.05
C ASP A 362 16.57 -9.88 5.06
N ARG A 363 16.17 -10.66 4.06
CA ARG A 363 14.77 -11.05 3.92
C ARG A 363 14.33 -11.94 5.08
N ALA A 364 15.28 -12.59 5.73
CA ALA A 364 14.96 -13.48 6.86
C ALA A 364 14.36 -12.74 8.05
N THR A 365 14.56 -11.44 8.14
CA THR A 365 13.96 -10.69 9.25
C THR A 365 12.96 -9.63 8.75
N PHE A 366 12.44 -9.82 7.54
CA PHE A 366 11.35 -8.99 7.06
C PHE A 366 10.12 -9.09 7.97
N TYR A 367 9.80 -10.31 8.40
CA TYR A 367 8.53 -10.56 9.07
C TYR A 367 8.64 -11.20 10.43
N THR A 368 9.85 -11.24 10.98
CA THR A 368 10.04 -11.62 12.38
C THR A 368 9.57 -10.46 13.27
N HIS A 369 9.59 -10.66 14.59
CA HIS A 369 8.89 -9.76 15.49
C HIS A 369 9.78 -8.97 16.44
N ASP A 370 11.10 -9.10 16.32
CA ASP A 370 12.01 -8.39 17.24
CA ASP A 370 11.99 -8.41 17.23
C ASP A 370 11.98 -6.90 16.98
N PRO A 371 11.87 -6.10 18.05
CA PRO A 371 11.83 -4.64 17.88
C PRO A 371 13.18 -4.06 17.40
N VAL A 372 14.27 -4.80 17.61
CA VAL A 372 15.58 -4.28 17.19
C VAL A 372 16.15 -5.06 16.02
N VAL A 373 16.34 -6.37 16.20
CA VAL A 373 17.03 -7.22 15.21
C VAL A 373 16.35 -7.27 13.85
N GLY A 374 17.03 -6.72 12.85
CA GLY A 374 16.56 -6.72 11.47
C GLY A 374 15.45 -5.71 11.26
N TYR A 375 15.28 -4.82 12.23
CA TYR A 375 14.21 -3.81 12.16
C TYR A 375 14.75 -2.39 12.32
N THR A 376 15.27 -2.08 13.50
CA THR A 376 15.79 -0.74 13.74
C THR A 376 17.32 -0.70 13.81
N ASP A 377 17.97 -1.84 13.56
CA ASP A 377 19.44 -1.88 13.73
C ASP A 377 20.25 -1.88 12.45
N TYR A 378 19.63 -1.58 11.31
CA TYR A 378 20.40 -1.29 10.11
C TYR A 378 21.05 0.07 10.27
N PRO A 379 22.35 0.17 9.96
CA PRO A 379 23.02 1.43 10.27
C PRO A 379 22.71 2.55 9.29
N SER A 380 22.61 3.77 9.80
CA SER A 380 22.62 4.97 8.97
C SER A 380 24.08 5.33 8.67
N LEU A 381 24.29 6.26 7.75
CA LEU A 381 25.65 6.71 7.46
C LEU A 381 26.26 7.39 8.69
N ASP A 382 25.46 8.13 9.44
CA ASP A 382 26.00 8.87 10.58
C ASP A 382 26.01 8.05 11.88
#